data_9G7H
#
_entry.id   9G7H
#
_cell.length_a   91.466
_cell.length_b   91.466
_cell.length_c   144.608
_cell.angle_alpha   90.00
_cell.angle_beta   90.00
_cell.angle_gamma   120.00
#
_symmetry.space_group_name_H-M   'P 63'
#
loop_
_entity.id
_entity.type
_entity.pdbx_description
1 polymer 'NAD-dependent protein deacetylase sirtuin-6'
2 non-polymer '[(2R,3S,4R,5R)-5-(6-AMINOPURIN-9-YL)-3,4-DIHYDROXY-OXOLAN-2-YL]METHYL [HYDROXY-[[(2R,3S,4R,5S)-3,4,5-TRIHYDROXYOXOLAN-2-YL]METHOXY]PHOSPHORYL] HYDROGEN PHOSPHATE'
3 non-polymer 'ZINC ION'
4 non-polymer 2,4-bis(oxidanylidene)-1-[2-oxidanylidene-2-[[(2S)-3-oxidanylidene-3-(propylamino)-2-[3-(3-pyridin-3-yl-1,2,4-oxadiazol-5-yl)propanoylamino]propyl]amino]ethyl]pyrimidine-5-carboxamide
5 non-polymer 'SULFATE ION'
6 water water
#
_entity_poly.entity_id   1
_entity_poly.type   'polypeptide(L)'
_entity_poly.pdbx_seq_one_letter_code
;GIDPFTADKGKCGLPEIFDPPEELERKVWELARLVWQSSSVVFHTGAGISTASGIPDFRGPHGVWTMEERGLAPKFDTTF
ESARPTQTHMALVQLERVGLLRFLVSQNVDGLHVRSGFPRDKLAELHGNMFVEECAKCKTQYVRDTVVGTMGLKATGRLC
TVAKARGLRACRGELRDTILDWEDSLPDRDLALADEASRNADLSITLGTSLQIRPSGNLPLATKRRGGRLVIVNLQPTKH
DRHADLRIHGYVDEVMTRLMKHLGLEIPAWDGPRVLERALPPLPRPPTPKLEPKEESPTRIN
;
_entity_poly.pdbx_strand_id   A,B
#
# COMPACT_ATOMS: atom_id res chain seq x y z
N PRO A 4 -26.63 -16.31 -1.27
CA PRO A 4 -26.47 -14.99 -1.88
C PRO A 4 -26.89 -13.90 -0.90
N PHE A 5 -28.16 -13.92 -0.53
CA PHE A 5 -28.73 -13.07 0.51
C PHE A 5 -28.65 -13.81 1.84
N THR A 6 -28.78 -15.14 1.75
CA THR A 6 -28.89 -16.02 2.90
C THR A 6 -27.51 -16.22 3.53
N ALA A 7 -26.47 -16.27 2.68
CA ALA A 7 -25.09 -16.46 3.12
C ALA A 7 -24.87 -15.96 4.54
N ASP A 8 -24.37 -16.84 5.40
CA ASP A 8 -23.84 -16.48 6.71
C ASP A 8 -22.49 -15.80 6.53
N LYS A 9 -22.36 -14.53 6.97
CA LYS A 9 -21.08 -13.83 6.80
C LYS A 9 -20.22 -13.77 8.08
N GLY A 10 -20.58 -14.51 9.14
CA GLY A 10 -19.76 -14.63 10.32
C GLY A 10 -19.76 -13.35 11.17
N LYS A 11 -18.85 -13.31 12.16
CA LYS A 11 -18.74 -12.22 13.10
C LYS A 11 -17.98 -11.10 12.39
N CYS A 12 -18.69 -10.02 12.07
CA CYS A 12 -18.15 -8.84 11.40
C CYS A 12 -17.99 -7.72 12.42
N GLY A 13 -16.88 -6.98 12.29
CA GLY A 13 -16.69 -5.67 12.91
C GLY A 13 -16.25 -5.74 14.38
N LEU A 14 -15.71 -6.89 14.83
CA LEU A 14 -15.21 -7.07 16.19
C LEU A 14 -14.13 -6.04 16.48
N PRO A 15 -13.96 -5.67 17.78
CA PRO A 15 -13.02 -4.63 18.18
C PRO A 15 -11.59 -5.11 17.91
N GLU A 16 -10.78 -4.16 17.47
CA GLU A 16 -9.37 -4.41 17.25
C GLU A 16 -8.64 -4.45 18.59
N ILE A 17 -7.56 -5.25 18.58
CA ILE A 17 -6.71 -5.39 19.75
C ILE A 17 -5.30 -4.94 19.33
N PHE A 18 -4.59 -4.13 20.14
CA PHE A 18 -3.22 -3.73 19.87
C PHE A 18 -2.34 -4.11 21.06
N ASP A 19 -1.41 -5.05 20.87
CA ASP A 19 -0.39 -5.31 21.89
C ASP A 19 0.50 -4.08 22.08
N PRO A 20 0.77 -3.65 23.34
CA PRO A 20 1.66 -2.51 23.56
C PRO A 20 3.06 -2.83 23.06
N PRO A 21 3.85 -1.80 22.69
CA PRO A 21 5.15 -2.00 22.04
C PRO A 21 6.07 -3.09 22.59
N GLU A 22 6.25 -3.17 23.91
CA GLU A 22 7.27 -4.04 24.48
C GLU A 22 6.80 -5.49 24.38
N GLU A 23 5.50 -5.71 24.60
CA GLU A 23 4.88 -7.02 24.43
C GLU A 23 4.95 -7.42 22.96
N LEU A 24 4.72 -6.42 22.07
CA LEU A 24 4.79 -6.63 20.62
C LEU A 24 6.20 -7.09 20.26
N GLU A 25 7.23 -6.35 20.67
CA GLU A 25 8.59 -6.72 20.31
C GLU A 25 8.97 -8.10 20.87
N ARG A 26 8.48 -8.46 22.07
CA ARG A 26 8.88 -9.73 22.69
C ARG A 26 8.22 -10.90 21.97
N LYS A 27 6.97 -10.73 21.52
CA LYS A 27 6.26 -11.75 20.75
C LYS A 27 6.89 -11.95 19.36
N VAL A 28 7.38 -10.91 18.73
CA VAL A 28 7.93 -11.07 17.41
C VAL A 28 9.26 -11.83 17.50
N TRP A 29 10.02 -11.59 18.59
CA TRP A 29 11.21 -12.32 18.99
C TRP A 29 10.91 -13.80 19.15
N GLU A 30 9.82 -14.15 19.82
CA GLU A 30 9.43 -15.54 19.99
C GLU A 30 9.03 -16.22 18.68
N LEU A 31 8.37 -15.48 17.78
CA LEU A 31 8.05 -15.97 16.43
C LEU A 31 9.34 -16.30 15.68
N ALA A 32 10.34 -15.43 15.84
CA ALA A 32 11.64 -15.61 15.24
C ALA A 32 12.19 -16.93 15.77
N ARG A 33 12.05 -17.18 17.10
CA ARG A 33 12.52 -18.39 17.73
C ARG A 33 11.84 -19.65 17.21
N LEU A 34 10.51 -19.61 17.06
CA LEU A 34 9.77 -20.76 16.54
C LEU A 34 10.20 -21.08 15.11
N VAL A 35 10.43 -20.04 14.29
CA VAL A 35 10.76 -20.24 12.88
C VAL A 35 12.12 -20.96 12.75
N TRP A 36 13.09 -20.55 13.58
CA TRP A 36 14.46 -21.04 13.57
C TRP A 36 14.43 -22.53 13.91
N GLN A 37 13.55 -22.90 14.84
CA GLN A 37 13.44 -24.25 15.38
C GLN A 37 12.67 -25.19 14.46
N SER A 38 11.88 -24.65 13.52
CA SER A 38 10.94 -25.47 12.79
C SER A 38 11.58 -26.08 11.55
N SER A 39 11.17 -27.32 11.27
CA SER A 39 11.55 -28.07 10.09
C SER A 39 10.71 -27.65 8.89
N SER A 40 9.39 -27.64 9.05
CA SER A 40 8.45 -27.28 7.99
C SER A 40 7.53 -26.15 8.46
N VAL A 41 7.60 -24.96 7.82
CA VAL A 41 6.77 -23.80 8.19
C VAL A 41 5.76 -23.52 7.07
N VAL A 42 4.46 -23.44 7.43
CA VAL A 42 3.37 -23.16 6.50
C VAL A 42 2.66 -21.86 6.88
N PHE A 43 2.45 -21.03 5.87
CA PHE A 43 1.82 -19.74 6.08
C PHE A 43 0.41 -19.83 5.53
N HIS A 44 -0.50 -19.26 6.29
CA HIS A 44 -1.86 -19.03 5.89
C HIS A 44 -2.15 -17.52 5.89
N THR A 45 -2.64 -17.03 4.76
CA THR A 45 -2.94 -15.60 4.61
C THR A 45 -4.43 -15.39 4.28
N GLY A 46 -4.93 -14.24 4.72
CA GLY A 46 -6.18 -13.75 4.21
C GLY A 46 -6.13 -12.24 3.97
N ALA A 47 -7.35 -11.69 3.98
CA ALA A 47 -7.61 -10.41 3.37
C ALA A 47 -6.81 -9.32 4.09
N GLY A 48 -6.49 -9.48 5.41
CA GLY A 48 -5.78 -8.44 6.21
C GLY A 48 -4.35 -8.11 5.70
N ILE A 49 -3.73 -8.98 4.92
CA ILE A 49 -2.37 -8.79 4.39
C ILE A 49 -2.40 -7.87 3.15
N SER A 50 -3.58 -7.40 2.67
CA SER A 50 -3.75 -6.61 1.46
C SER A 50 -4.43 -5.26 1.75
N THR A 51 -4.84 -5.08 3.02
CA THR A 51 -5.47 -3.83 3.41
C THR A 51 -4.46 -2.69 3.24
N ALA A 52 -3.19 -2.95 3.56
CA ALA A 52 -2.12 -1.94 3.43
C ALA A 52 -1.80 -1.54 1.98
N SER A 53 -2.33 -2.25 0.97
CA SER A 53 -2.25 -1.88 -0.46
C SER A 53 -3.52 -1.18 -1.01
N GLY A 54 -4.51 -0.89 -0.17
CA GLY A 54 -5.76 -0.21 -0.43
C GLY A 54 -6.98 -1.10 -0.73
N ILE A 55 -6.81 -2.43 -0.57
CA ILE A 55 -7.92 -3.35 -0.77
C ILE A 55 -8.55 -3.64 0.58
N PRO A 56 -9.90 -3.37 0.74
CA PRO A 56 -10.62 -3.57 1.99
C PRO A 56 -10.69 -5.08 2.25
N ASP A 57 -10.73 -5.44 3.53
CA ASP A 57 -10.94 -6.84 3.92
C ASP A 57 -12.45 -7.10 4.02
N PHE A 58 -12.91 -8.25 4.59
CA PHE A 58 -14.33 -8.56 4.67
C PHE A 58 -14.97 -8.25 6.03
N ARG A 59 -14.23 -8.51 7.13
CA ARG A 59 -14.79 -8.58 8.49
C ARG A 59 -14.14 -7.58 9.45
N GLY A 60 -13.12 -6.84 8.98
CA GLY A 60 -12.52 -5.76 9.74
C GLY A 60 -13.50 -4.61 10.01
N PRO A 61 -13.11 -3.52 10.73
CA PRO A 61 -14.07 -2.44 11.01
C PRO A 61 -14.66 -1.77 9.76
N HIS A 62 -13.84 -1.57 8.68
CA HIS A 62 -14.32 -1.06 7.40
C HIS A 62 -14.41 -2.14 6.33
N GLY A 63 -14.63 -3.38 6.77
CA GLY A 63 -14.68 -4.46 5.82
C GLY A 63 -15.93 -4.44 4.91
N VAL A 64 -15.80 -5.16 3.78
CA VAL A 64 -16.91 -5.35 2.86
C VAL A 64 -18.19 -5.79 3.62
N TRP A 65 -18.17 -6.96 4.30
CA TRP A 65 -19.36 -7.45 4.99
C TRP A 65 -19.75 -6.57 6.20
N THR A 66 -18.78 -6.16 7.04
CA THR A 66 -19.04 -5.17 8.08
C THR A 66 -19.82 -3.94 7.55
N MET A 67 -19.31 -3.25 6.53
CA MET A 67 -19.95 -2.05 5.98
C MET A 67 -21.38 -2.31 5.48
N GLU A 68 -21.55 -3.40 4.71
CA GLU A 68 -22.84 -3.88 4.24
C GLU A 68 -23.84 -3.99 5.41
N GLU A 69 -23.41 -4.59 6.53
CA GLU A 69 -24.20 -4.68 7.76
C GLU A 69 -24.66 -3.32 8.28
N ARG A 70 -23.84 -2.28 8.16
CA ARG A 70 -24.20 -0.95 8.64
C ARG A 70 -24.90 -0.14 7.55
N GLY A 71 -25.20 -0.75 6.40
CA GLY A 71 -25.77 -0.05 5.26
C GLY A 71 -24.78 0.87 4.54
N LEU A 72 -23.47 0.63 4.68
CA LEU A 72 -22.52 1.52 4.04
C LEU A 72 -21.68 0.75 3.04
N ALA A 73 -20.73 1.43 2.43
CA ALA A 73 -19.97 0.85 1.32
C ALA A 73 -18.53 0.66 1.72
N PRO A 74 -17.83 -0.39 1.24
CA PRO A 74 -16.38 -0.48 1.42
C PRO A 74 -15.74 0.55 0.50
N LYS A 75 -14.48 0.90 0.81
CA LYS A 75 -13.68 1.82 0.02
C LYS A 75 -12.46 1.07 -0.51
N PHE A 76 -12.22 1.29 -1.81
CA PHE A 76 -11.01 0.84 -2.47
C PHE A 76 -10.16 2.08 -2.74
N ASP A 77 -8.86 1.93 -2.47
CA ASP A 77 -7.84 2.95 -2.71
C ASP A 77 -6.99 2.59 -3.94
N THR A 78 -7.31 1.50 -4.63
CA THR A 78 -6.64 1.01 -5.82
C THR A 78 -7.62 0.12 -6.57
N THR A 79 -7.33 -0.10 -7.86
CA THR A 79 -7.86 -1.20 -8.66
C THR A 79 -7.11 -2.47 -8.33
N PHE A 80 -7.68 -3.63 -8.70
CA PHE A 80 -6.92 -4.83 -8.57
C PHE A 80 -5.72 -4.81 -9.50
N GLU A 81 -5.81 -4.15 -10.69
CA GLU A 81 -4.67 -4.17 -11.58
C GLU A 81 -3.54 -3.30 -11.01
N SER A 82 -3.89 -2.16 -10.40
CA SER A 82 -2.90 -1.17 -9.95
C SER A 82 -2.35 -1.40 -8.53
N ALA A 83 -2.83 -2.45 -7.86
CA ALA A 83 -2.41 -2.78 -6.49
C ALA A 83 -0.98 -3.30 -6.47
N ARG A 84 -0.18 -2.85 -5.49
CA ARG A 84 1.18 -3.33 -5.33
C ARG A 84 1.22 -4.32 -4.18
N PRO A 85 1.99 -5.42 -4.26
CA PRO A 85 2.14 -6.32 -3.11
C PRO A 85 2.73 -5.55 -1.93
N THR A 86 2.26 -5.88 -0.75
CA THR A 86 2.70 -5.28 0.52
C THR A 86 4.10 -5.76 0.90
N GLN A 87 4.66 -5.15 1.94
CA GLN A 87 5.92 -5.56 2.54
C GLN A 87 5.73 -7.02 2.96
N THR A 88 4.55 -7.34 3.48
CA THR A 88 4.21 -8.72 3.86
C THR A 88 4.31 -9.71 2.71
N HIS A 89 3.59 -9.48 1.62
CA HIS A 89 3.65 -10.31 0.42
C HIS A 89 5.12 -10.54 0.01
N MET A 90 5.92 -9.48 -0.07
CA MET A 90 7.32 -9.59 -0.51
C MET A 90 8.21 -10.32 0.52
N ALA A 91 7.98 -10.17 1.84
CA ALA A 91 8.63 -10.96 2.85
C ALA A 91 8.37 -12.45 2.58
N LEU A 92 7.15 -12.81 2.27
CA LEU A 92 6.81 -14.23 1.98
C LEU A 92 7.59 -14.73 0.75
N VAL A 93 7.78 -13.89 -0.29
CA VAL A 93 8.54 -14.27 -1.49
C VAL A 93 9.93 -14.74 -1.04
N GLN A 94 10.54 -13.88 -0.23
CA GLN A 94 11.89 -14.09 0.27
C GLN A 94 11.97 -15.33 1.16
N LEU A 95 11.04 -15.51 2.10
CA LEU A 95 11.02 -16.67 2.99
C LEU A 95 10.98 -17.97 2.19
N GLU A 96 10.23 -17.99 1.10
CA GLU A 96 10.21 -19.19 0.26
C GLU A 96 11.58 -19.36 -0.42
N ARG A 97 12.19 -18.27 -0.90
CA ARG A 97 13.40 -18.36 -1.70
C ARG A 97 14.57 -18.95 -0.91
N VAL A 98 14.65 -18.65 0.38
CA VAL A 98 15.78 -18.99 1.26
C VAL A 98 15.47 -20.30 1.97
N GLY A 99 14.28 -20.84 1.74
CA GLY A 99 13.87 -22.18 2.18
C GLY A 99 13.27 -22.25 3.59
N LEU A 100 12.78 -21.12 4.13
CA LEU A 100 12.18 -21.09 5.46
C LEU A 100 10.66 -21.26 5.39
N LEU A 101 10.05 -21.08 4.21
CA LEU A 101 8.62 -21.32 4.01
C LEU A 101 8.44 -22.53 3.10
N ARG A 102 7.71 -23.55 3.58
CA ARG A 102 7.45 -24.76 2.79
C ARG A 102 6.28 -24.55 1.85
N PHE A 103 5.18 -23.98 2.37
CA PHE A 103 3.97 -23.83 1.61
C PHE A 103 3.17 -22.60 2.06
N LEU A 104 2.45 -22.02 1.13
CA LEU A 104 1.60 -20.88 1.33
C LEU A 104 0.18 -21.21 0.90
N VAL A 105 -0.72 -21.04 1.85
CA VAL A 105 -2.15 -21.22 1.68
C VAL A 105 -2.84 -19.85 1.79
N SER A 106 -3.64 -19.45 0.80
CA SER A 106 -4.29 -18.15 0.85
C SER A 106 -5.76 -18.27 0.47
N GLN A 107 -6.58 -17.48 1.18
CA GLN A 107 -8.00 -17.38 0.93
C GLN A 107 -8.26 -16.22 -0.03
N ASN A 108 -7.20 -15.43 -0.33
CA ASN A 108 -7.33 -14.20 -1.10
C ASN A 108 -7.53 -14.48 -2.58
N VAL A 109 -8.43 -13.68 -3.17
CA VAL A 109 -8.71 -13.68 -4.60
C VAL A 109 -7.97 -12.55 -5.32
N ASP A 110 -7.43 -11.64 -4.54
CA ASP A 110 -6.83 -10.44 -5.11
C ASP A 110 -5.60 -10.66 -6.05
N GLY A 111 -5.07 -11.87 -6.26
CA GLY A 111 -4.08 -12.14 -7.32
C GLY A 111 -2.65 -11.66 -6.96
N LEU A 112 -2.49 -11.03 -5.79
CA LEU A 112 -1.22 -10.40 -5.40
C LEU A 112 -0.06 -11.33 -5.07
N HIS A 113 -0.29 -12.52 -4.49
CA HIS A 113 0.82 -13.42 -4.27
C HIS A 113 1.43 -13.87 -5.62
N VAL A 114 0.59 -14.29 -6.57
CA VAL A 114 0.99 -14.62 -7.93
C VAL A 114 1.81 -13.48 -8.52
N ARG A 115 1.24 -12.26 -8.41
CA ARG A 115 1.78 -11.10 -9.11
C ARG A 115 3.10 -10.68 -8.47
N SER A 116 3.30 -11.02 -7.18
CA SER A 116 4.51 -10.74 -6.43
C SER A 116 5.70 -11.56 -6.95
N GLY A 117 5.40 -12.71 -7.59
CA GLY A 117 6.32 -13.69 -8.14
C GLY A 117 6.53 -14.92 -7.26
N PHE A 118 5.58 -15.15 -6.35
CA PHE A 118 5.56 -16.26 -5.45
C PHE A 118 5.35 -17.46 -6.35
N PRO A 119 6.08 -18.58 -6.15
CA PRO A 119 5.95 -19.77 -7.00
C PRO A 119 4.64 -20.54 -6.83
N ARG A 120 3.98 -20.77 -7.96
CA ARG A 120 2.62 -21.29 -8.00
C ARG A 120 2.53 -22.71 -7.46
N ASP A 121 3.60 -23.50 -7.63
CA ASP A 121 3.65 -24.86 -7.05
C ASP A 121 3.90 -24.90 -5.54
N LYS A 122 4.01 -23.77 -4.84
CA LYS A 122 4.06 -23.79 -3.37
C LYS A 122 2.90 -22.96 -2.82
N LEU A 123 1.93 -22.68 -3.68
CA LEU A 123 0.82 -21.81 -3.34
C LEU A 123 -0.52 -22.53 -3.58
N ALA A 124 -1.42 -22.46 -2.60
CA ALA A 124 -2.80 -22.88 -2.78
C ALA A 124 -3.72 -21.66 -2.68
N GLU A 125 -4.44 -21.37 -3.76
CA GLU A 125 -5.42 -20.30 -3.86
C GLU A 125 -6.80 -20.90 -3.67
N LEU A 126 -7.20 -20.99 -2.40
CA LEU A 126 -8.35 -21.81 -2.03
C LEU A 126 -9.66 -21.28 -2.61
N HIS A 127 -9.84 -19.93 -2.69
CA HIS A 127 -11.08 -19.29 -3.10
C HIS A 127 -10.99 -18.71 -4.52
N GLY A 128 -9.84 -18.95 -5.16
CA GLY A 128 -9.57 -18.52 -6.53
C GLY A 128 -8.73 -17.24 -6.61
N ASN A 129 -8.53 -16.84 -7.88
CA ASN A 129 -7.77 -15.67 -8.27
C ASN A 129 -8.54 -14.97 -9.40
N MET A 130 -8.71 -13.65 -9.23
CA MET A 130 -9.50 -12.82 -10.14
C MET A 130 -8.86 -12.62 -11.51
N PHE A 131 -7.52 -12.89 -11.62
CA PHE A 131 -6.74 -12.78 -12.86
C PHE A 131 -6.65 -14.10 -13.62
N VAL A 132 -7.16 -15.15 -12.99
CA VAL A 132 -7.01 -16.53 -13.44
C VAL A 132 -8.33 -17.07 -13.99
N GLU A 133 -8.22 -17.60 -15.20
CA GLU A 133 -9.32 -18.29 -15.87
C GLU A 133 -8.80 -19.67 -16.28
N GLU A 134 -9.73 -20.62 -16.41
CA GLU A 134 -9.40 -22.03 -16.48
C GLU A 134 -10.27 -22.69 -17.55
N CYS A 135 -9.69 -23.58 -18.36
CA CYS A 135 -10.43 -24.33 -19.38
C CYS A 135 -11.25 -25.46 -18.74
N ALA A 136 -12.55 -25.50 -19.02
CA ALA A 136 -13.43 -26.54 -18.50
C ALA A 136 -13.12 -27.91 -19.13
N LYS A 137 -12.57 -27.91 -20.35
CA LYS A 137 -12.15 -29.15 -21.00
C LYS A 137 -10.82 -29.66 -20.43
N CYS A 138 -9.72 -28.99 -20.76
CA CYS A 138 -8.37 -29.50 -20.47
C CYS A 138 -7.84 -29.08 -19.10
N LYS A 139 -8.47 -28.10 -18.44
CA LYS A 139 -8.10 -27.66 -17.09
C LYS A 139 -6.82 -26.81 -17.10
N THR A 140 -6.31 -26.43 -18.28
CA THR A 140 -5.16 -25.55 -18.35
C THR A 140 -5.58 -24.17 -17.85
N GLN A 141 -4.74 -23.57 -16.99
CA GLN A 141 -5.02 -22.25 -16.43
C GLN A 141 -4.23 -21.16 -17.15
N TYR A 142 -4.82 -19.98 -17.16
CA TYR A 142 -4.24 -18.82 -17.81
C TYR A 142 -4.26 -17.69 -16.79
N VAL A 143 -3.12 -17.01 -16.67
CA VAL A 143 -2.98 -15.98 -15.65
C VAL A 143 -2.89 -14.67 -16.40
N ARG A 144 -3.94 -13.84 -16.29
CA ARG A 144 -4.11 -12.67 -17.14
C ARG A 144 -3.49 -11.48 -16.44
N ASP A 145 -3.16 -10.43 -17.21
CA ASP A 145 -2.72 -9.11 -16.69
C ASP A 145 -3.88 -8.24 -16.24
N THR A 146 -5.11 -8.71 -16.46
CA THR A 146 -6.30 -7.96 -16.06
C THR A 146 -7.27 -8.93 -15.42
N VAL A 147 -8.14 -8.37 -14.57
CA VAL A 147 -9.11 -9.21 -13.90
C VAL A 147 -10.04 -9.82 -14.96
N VAL A 148 -10.25 -11.14 -14.86
CA VAL A 148 -11.24 -11.88 -15.61
C VAL A 148 -12.64 -11.44 -15.14
N GLY A 149 -13.45 -10.95 -16.08
CA GLY A 149 -14.59 -10.10 -15.74
C GLY A 149 -15.76 -10.81 -15.05
N THR A 150 -15.67 -12.11 -14.77
CA THR A 150 -16.76 -12.80 -14.11
C THR A 150 -16.34 -13.39 -12.76
N MET A 151 -17.36 -13.70 -11.94
CA MET A 151 -17.17 -14.41 -10.68
C MET A 151 -18.23 -15.50 -10.59
N GLY A 152 -17.89 -16.61 -9.94
CA GLY A 152 -18.82 -17.68 -9.63
C GLY A 152 -18.71 -18.87 -10.59
N LEU A 153 -17.51 -19.07 -11.20
CA LEU A 153 -17.20 -20.13 -12.16
C LEU A 153 -17.97 -19.98 -13.50
N LYS A 154 -18.13 -18.75 -13.98
CA LYS A 154 -18.84 -18.50 -15.23
C LYS A 154 -17.88 -18.43 -16.42
N ALA A 155 -18.39 -18.75 -17.63
CA ALA A 155 -17.75 -18.44 -18.90
C ALA A 155 -17.35 -16.97 -18.99
N THR A 156 -16.05 -16.74 -19.25
CA THR A 156 -15.46 -15.40 -19.43
C THR A 156 -15.70 -14.90 -20.85
N GLY A 157 -15.90 -15.83 -21.79
CA GLY A 157 -16.15 -15.46 -23.17
C GLY A 157 -15.00 -15.79 -24.11
N ARG A 158 -13.81 -16.11 -23.56
CA ARG A 158 -12.65 -16.46 -24.36
C ARG A 158 -12.52 -17.99 -24.44
N LEU A 159 -11.70 -18.49 -25.38
CA LEU A 159 -11.55 -19.92 -25.57
C LEU A 159 -10.10 -20.33 -25.35
N CYS A 160 -9.93 -21.63 -25.13
CA CYS A 160 -8.64 -22.22 -24.82
C CYS A 160 -7.76 -22.25 -26.08
N THR A 161 -6.47 -21.90 -25.94
CA THR A 161 -5.57 -21.82 -27.09
C THR A 161 -4.56 -22.97 -27.07
N VAL A 162 -4.74 -23.98 -26.21
CA VAL A 162 -3.74 -25.03 -26.06
C VAL A 162 -3.53 -25.69 -27.43
N ALA A 163 -2.25 -25.94 -27.78
CA ALA A 163 -1.83 -26.42 -29.09
C ALA A 163 -2.69 -27.60 -29.53
N CYS A 171 -7.55 -26.82 -28.47
CA CYS A 171 -8.60 -27.34 -27.56
C CYS A 171 -9.90 -26.58 -27.74
N ARG A 172 -9.83 -25.24 -27.69
CA ARG A 172 -10.97 -24.35 -27.94
C ARG A 172 -12.05 -24.51 -26.88
N GLY A 173 -11.65 -24.97 -25.69
CA GLY A 173 -12.57 -25.10 -24.58
C GLY A 173 -12.96 -23.74 -24.01
N GLU A 174 -14.14 -23.69 -23.39
CA GLU A 174 -14.72 -22.49 -22.80
C GLU A 174 -13.93 -22.11 -21.56
N LEU A 175 -13.32 -20.90 -21.56
CA LEU A 175 -12.63 -20.39 -20.39
C LEU A 175 -13.65 -19.89 -19.33
N ARG A 176 -13.38 -20.20 -18.07
CA ARG A 176 -14.25 -19.81 -16.97
C ARG A 176 -13.44 -19.21 -15.84
N ASP A 177 -14.01 -18.31 -15.04
CA ASP A 177 -13.34 -17.77 -13.85
C ASP A 177 -13.16 -18.83 -12.76
N THR A 178 -12.25 -18.53 -11.81
CA THR A 178 -12.00 -19.43 -10.70
C THR A 178 -12.48 -18.89 -9.34
N ILE A 179 -13.36 -17.88 -9.35
CA ILE A 179 -13.84 -17.33 -8.09
C ILE A 179 -15.06 -18.08 -7.60
N LEU A 180 -14.89 -18.82 -6.49
CA LEU A 180 -15.95 -19.62 -5.91
C LEU A 180 -17.09 -18.71 -5.47
N ASP A 181 -18.34 -19.12 -5.77
CA ASP A 181 -19.50 -18.61 -5.05
C ASP A 181 -19.63 -19.39 -3.75
N TRP A 182 -20.54 -18.91 -2.89
CA TRP A 182 -20.81 -19.48 -1.58
C TRP A 182 -21.01 -21.00 -1.61
N GLU A 183 -21.77 -21.52 -2.59
CA GLU A 183 -22.19 -22.91 -2.57
C GLU A 183 -21.17 -23.86 -3.20
N ASP A 184 -20.10 -23.29 -3.81
CA ASP A 184 -19.11 -24.04 -4.58
C ASP A 184 -18.03 -24.58 -3.65
N SER A 185 -17.69 -25.87 -3.82
CA SER A 185 -16.65 -26.51 -3.04
C SER A 185 -15.28 -26.09 -3.61
N LEU A 186 -14.22 -26.31 -2.83
CA LEU A 186 -12.91 -25.75 -3.12
C LEU A 186 -12.27 -26.53 -4.27
N PRO A 187 -11.31 -25.92 -4.99
CA PRO A 187 -10.47 -26.68 -5.90
C PRO A 187 -9.80 -27.82 -5.14
N ASP A 188 -10.01 -29.06 -5.60
CA ASP A 188 -9.52 -30.27 -4.95
C ASP A 188 -7.99 -30.33 -4.88
N ARG A 189 -7.30 -29.94 -5.95
CA ARG A 189 -5.83 -29.93 -5.97
C ARG A 189 -5.29 -28.92 -4.95
N ASP A 190 -5.84 -27.71 -4.97
CA ASP A 190 -5.42 -26.70 -4.01
C ASP A 190 -5.64 -27.24 -2.58
N LEU A 191 -6.85 -27.74 -2.28
CA LEU A 191 -7.21 -28.18 -0.94
C LEU A 191 -6.32 -29.36 -0.50
N ALA A 192 -6.14 -30.36 -1.36
CA ALA A 192 -5.40 -31.56 -1.00
C ALA A 192 -3.96 -31.21 -0.61
N LEU A 193 -3.38 -30.24 -1.33
CA LEU A 193 -2.00 -29.81 -1.12
C LEU A 193 -1.88 -28.91 0.12
N ALA A 194 -2.87 -28.03 0.36
CA ALA A 194 -2.87 -27.22 1.58
C ALA A 194 -3.00 -28.12 2.81
N ASP A 195 -3.84 -29.15 2.71
CA ASP A 195 -4.07 -30.07 3.80
C ASP A 195 -2.81 -30.86 4.13
N GLU A 196 -2.17 -31.42 3.10
CA GLU A 196 -0.97 -32.23 3.28
C GLU A 196 0.07 -31.37 3.98
N ALA A 197 0.30 -30.16 3.45
CA ALA A 197 1.27 -29.24 4.01
C ALA A 197 0.99 -28.88 5.46
N SER A 198 -0.28 -28.64 5.76
CA SER A 198 -0.71 -28.24 7.08
C SER A 198 -0.48 -29.37 8.08
N ARG A 199 -0.90 -30.59 7.73
CA ARG A 199 -0.72 -31.76 8.58
C ARG A 199 0.76 -31.99 8.97
N ASN A 200 1.64 -31.90 7.96
CA ASN A 200 3.05 -32.24 8.09
C ASN A 200 3.88 -31.10 8.64
N ALA A 201 3.33 -29.89 8.70
CA ALA A 201 4.07 -28.78 9.28
C ALA A 201 4.23 -28.94 10.78
N ASP A 202 5.29 -28.35 11.32
CA ASP A 202 5.51 -28.28 12.76
C ASP A 202 5.32 -26.84 13.21
N LEU A 203 5.02 -25.97 12.24
CA LEU A 203 4.75 -24.58 12.56
C LEU A 203 3.78 -24.06 11.50
N SER A 204 2.66 -23.53 11.97
CA SER A 204 1.69 -22.85 11.09
C SER A 204 1.45 -21.43 11.59
N ILE A 205 1.59 -20.44 10.69
CA ILE A 205 1.54 -19.00 11.01
C ILE A 205 0.38 -18.42 10.18
N THR A 206 -0.63 -17.86 10.85
CA THR A 206 -1.73 -17.21 10.16
C THR A 206 -1.47 -15.69 10.17
N LEU A 207 -1.76 -15.05 9.03
CA LEU A 207 -1.62 -13.59 8.80
C LEU A 207 -2.90 -12.98 8.24
N GLY A 208 -3.52 -12.02 8.96
CA GLY A 208 -4.68 -11.31 8.41
C GLY A 208 -5.84 -12.20 7.98
N THR A 209 -6.18 -13.22 8.78
CA THR A 209 -7.40 -14.01 8.55
C THR A 209 -8.11 -14.28 9.87
N SER A 210 -9.43 -14.04 9.90
CA SER A 210 -10.27 -14.29 11.06
C SER A 210 -10.53 -15.79 11.27
N LEU A 211 -10.15 -16.64 10.29
CA LEU A 211 -10.25 -18.12 10.41
C LEU A 211 -11.71 -18.63 10.57
N GLN A 212 -12.67 -17.95 9.95
CA GLN A 212 -14.08 -18.19 10.15
C GLN A 212 -14.71 -19.10 9.08
N ILE A 213 -14.04 -19.30 7.93
CA ILE A 213 -14.53 -20.05 6.79
C ILE A 213 -13.96 -21.47 6.88
N ARG A 214 -14.84 -22.47 6.73
CA ARG A 214 -14.48 -23.87 6.59
C ARG A 214 -14.37 -24.24 5.10
N PRO A 215 -13.43 -25.12 4.71
CA PRO A 215 -12.37 -25.60 5.60
C PRO A 215 -11.10 -24.76 5.72
N SER A 216 -11.06 -23.64 4.98
CA SER A 216 -9.86 -22.84 4.85
C SER A 216 -9.26 -22.49 6.21
N GLY A 217 -10.05 -21.85 7.08
CA GLY A 217 -9.67 -21.42 8.43
C GLY A 217 -9.37 -22.56 9.41
N ASN A 218 -9.74 -23.78 9.03
CA ASN A 218 -9.49 -24.92 9.87
C ASN A 218 -8.14 -25.59 9.59
N LEU A 219 -7.51 -25.28 8.44
CA LEU A 219 -6.29 -25.96 8.05
C LEU A 219 -5.20 -25.67 9.06
N PRO A 220 -5.04 -24.44 9.64
CA PRO A 220 -3.98 -24.25 10.62
C PRO A 220 -4.07 -25.13 11.86
N LEU A 221 -5.27 -25.67 12.17
CA LEU A 221 -5.47 -26.56 13.31
C LEU A 221 -4.87 -27.95 13.04
N ALA A 222 -4.94 -28.39 11.78
CA ALA A 222 -4.33 -29.64 11.36
C ALA A 222 -2.91 -29.75 11.90
N THR A 223 -2.18 -28.61 11.96
CA THR A 223 -0.79 -28.56 12.37
C THR A 223 -0.65 -28.92 13.85
N LYS A 224 -1.65 -28.55 14.66
CA LYS A 224 -1.62 -28.89 16.07
C LYS A 224 -1.61 -30.41 16.30
N ARG A 225 -1.80 -31.22 15.24
CA ARG A 225 -1.64 -32.67 15.30
C ARG A 225 -0.15 -33.02 15.46
N ARG A 226 0.14 -34.05 16.28
CA ARG A 226 1.50 -34.54 16.46
C ARG A 226 2.41 -33.46 17.04
N GLY A 227 1.80 -32.37 17.53
CA GLY A 227 2.49 -31.45 18.42
C GLY A 227 3.01 -30.20 17.72
N GLY A 228 2.54 -29.96 16.48
CA GLY A 228 2.87 -28.74 15.76
C GLY A 228 2.38 -27.49 16.49
N ARG A 229 3.03 -26.36 16.20
CA ARG A 229 2.75 -25.11 16.87
C ARG A 229 1.92 -24.21 15.96
N LEU A 230 1.06 -23.39 16.56
CA LEU A 230 0.19 -22.49 15.80
C LEU A 230 0.42 -21.08 16.32
N VAL A 231 0.82 -20.19 15.39
CA VAL A 231 0.87 -18.76 15.68
C VAL A 231 -0.22 -18.02 14.86
N ILE A 232 -0.86 -17.02 15.48
CA ILE A 232 -1.89 -16.23 14.79
C ILE A 232 -1.54 -14.74 14.86
N VAL A 233 -1.30 -14.11 13.70
CA VAL A 233 -1.07 -12.64 13.63
C VAL A 233 -2.38 -12.03 13.10
N ASN A 234 -2.98 -11.10 13.85
CA ASN A 234 -4.30 -10.55 13.49
C ASN A 234 -4.71 -9.42 14.44
N LEU A 235 -5.25 -8.33 13.90
CA LEU A 235 -5.67 -7.18 14.71
C LEU A 235 -6.94 -7.49 15.52
N GLN A 236 -7.82 -8.36 14.99
CA GLN A 236 -9.09 -8.70 15.63
C GLN A 236 -9.01 -10.12 16.19
N PRO A 237 -9.94 -10.54 17.06
CA PRO A 237 -10.00 -11.94 17.46
C PRO A 237 -10.23 -12.86 16.28
N THR A 238 -9.83 -14.14 16.44
CA THR A 238 -10.03 -15.13 15.39
C THR A 238 -10.73 -16.31 16.01
N LYS A 239 -11.37 -17.12 15.19
CA LYS A 239 -12.11 -18.28 15.65
C LYS A 239 -11.23 -19.18 16.52
N HIS A 240 -9.98 -19.46 16.11
CA HIS A 240 -9.12 -20.42 16.81
C HIS A 240 -8.13 -19.78 17.79
N ASP A 241 -8.40 -18.57 18.27
CA ASP A 241 -7.58 -17.93 19.28
C ASP A 241 -7.16 -18.89 20.40
N ARG A 242 -8.06 -19.76 20.91
CA ARG A 242 -7.70 -20.52 22.11
C ARG A 242 -6.67 -21.62 21.80
N HIS A 243 -6.61 -22.06 20.54
CA HIS A 243 -5.69 -23.06 20.02
C HIS A 243 -4.29 -22.50 19.74
N ALA A 244 -4.11 -21.17 19.71
CA ALA A 244 -2.82 -20.59 19.36
C ALA A 244 -1.79 -20.69 20.49
N ASP A 245 -0.54 -20.98 20.11
CA ASP A 245 0.56 -20.98 21.06
C ASP A 245 1.04 -19.55 21.27
N LEU A 246 0.69 -18.70 20.31
CA LEU A 246 1.19 -17.34 20.23
C LEU A 246 0.21 -16.52 19.38
N ARG A 247 -0.22 -15.38 19.91
CA ARG A 247 -1.16 -14.55 19.21
C ARG A 247 -0.50 -13.19 19.20
N ILE A 248 -0.35 -12.62 18.00
CA ILE A 248 0.25 -11.30 17.88
C ILE A 248 -0.81 -10.35 17.35
N HIS A 249 -1.10 -9.29 18.12
CA HIS A 249 -2.13 -8.31 17.73
C HIS A 249 -1.45 -7.02 17.27
N GLY A 250 -1.24 -6.91 15.96
CA GLY A 250 -0.62 -5.73 15.38
C GLY A 250 -0.70 -5.77 13.86
N TYR A 251 -0.25 -4.69 13.20
CA TYR A 251 -0.25 -4.63 11.74
C TYR A 251 0.80 -5.62 11.18
N VAL A 252 0.37 -6.38 10.14
CA VAL A 252 1.12 -7.52 9.67
C VAL A 252 2.44 -7.04 9.05
N ASP A 253 2.46 -5.87 8.41
CA ASP A 253 3.70 -5.30 7.87
C ASP A 253 4.72 -4.96 8.98
N GLU A 254 4.27 -4.47 10.15
CA GLU A 254 5.15 -4.15 11.28
C GLU A 254 5.72 -5.45 11.83
N VAL A 255 4.87 -6.47 11.94
CA VAL A 255 5.35 -7.76 12.43
C VAL A 255 6.34 -8.40 11.47
N MET A 256 5.96 -8.58 10.18
CA MET A 256 6.85 -9.19 9.18
C MET A 256 8.14 -8.38 8.99
N THR A 257 8.15 -7.05 9.09
CA THR A 257 9.41 -6.36 8.86
C THR A 257 10.39 -6.62 10.01
N ARG A 258 9.91 -6.54 11.25
CA ARG A 258 10.66 -6.91 12.42
C ARG A 258 11.18 -8.34 12.38
N LEU A 259 10.35 -9.28 11.92
CA LEU A 259 10.72 -10.69 11.81
C LEU A 259 11.91 -10.89 10.86
N MET A 260 11.79 -10.27 9.70
CA MET A 260 12.83 -10.30 8.68
C MET A 260 14.12 -9.71 9.24
N LYS A 261 14.01 -8.61 9.99
CA LYS A 261 15.15 -7.96 10.62
C LYS A 261 15.89 -8.96 11.51
N HIS A 262 15.15 -9.73 12.35
CA HIS A 262 15.67 -10.74 13.27
C HIS A 262 16.31 -11.94 12.57
N LEU A 263 15.66 -12.41 11.47
CA LEU A 263 16.10 -13.52 10.62
C LEU A 263 17.28 -13.12 9.72
N GLY A 264 17.57 -11.82 9.62
CA GLY A 264 18.69 -11.29 8.87
C GLY A 264 18.43 -11.33 7.38
N LEU A 265 17.18 -11.08 6.99
CA LEU A 265 16.69 -11.11 5.62
C LEU A 265 16.19 -9.75 5.18
N GLU A 266 16.68 -9.40 3.98
CA GLU A 266 16.17 -8.25 3.24
C GLU A 266 14.80 -8.59 2.67
N ILE A 267 13.95 -7.59 2.54
CA ILE A 267 12.66 -7.79 1.88
C ILE A 267 12.87 -7.41 0.40
N PRO A 268 12.70 -8.35 -0.56
CA PRO A 268 13.08 -8.09 -1.96
C PRO A 268 12.23 -7.04 -2.72
N ALA A 269 12.82 -6.37 -3.71
CA ALA A 269 12.14 -5.34 -4.49
C ALA A 269 11.11 -5.99 -5.44
N TRP A 270 10.04 -5.26 -5.76
CA TRP A 270 9.02 -5.81 -6.64
C TRP A 270 9.29 -5.31 -8.06
N ASP A 271 9.49 -6.26 -8.98
CA ASP A 271 9.82 -5.96 -10.35
C ASP A 271 8.58 -5.54 -11.16
N GLY A 272 7.40 -5.42 -10.50
CA GLY A 272 6.14 -5.32 -11.22
C GLY A 272 5.53 -6.71 -11.37
N PRO A 273 4.33 -6.81 -11.99
CA PRO A 273 3.55 -8.06 -12.13
C PRO A 273 4.32 -9.15 -12.88
N ARG A 274 4.51 -10.29 -12.22
CA ARG A 274 5.37 -11.30 -12.80
C ARG A 274 4.93 -12.63 -12.22
N VAL A 275 4.80 -13.59 -13.12
CA VAL A 275 4.27 -14.92 -12.85
C VAL A 275 5.37 -15.98 -12.89
N LEU A 276 5.49 -16.72 -11.79
CA LEU A 276 6.48 -17.78 -11.65
C LEU A 276 5.73 -19.08 -11.38
N GLU A 277 5.80 -20.03 -12.34
CA GLU A 277 5.13 -21.33 -12.20
C GLU A 277 5.76 -22.29 -11.17
N ARG A 278 7.11 -22.34 -11.18
CA ARG A 278 7.85 -23.32 -10.41
C ARG A 278 8.92 -22.59 -9.59
N ALA A 279 8.91 -22.88 -8.30
CA ALA A 279 9.96 -22.52 -7.35
C ALA A 279 11.38 -22.74 -7.90
N LEU A 280 12.21 -21.67 -7.83
CA LEU A 280 13.63 -21.72 -8.21
C LEU A 280 14.42 -22.51 -7.14
N PRO A 281 15.72 -22.84 -7.38
CA PRO A 281 16.55 -23.45 -6.34
C PRO A 281 16.76 -22.49 -5.16
N PRO A 282 16.73 -23.01 -3.92
CA PRO A 282 16.87 -22.20 -2.68
C PRO A 282 18.16 -21.36 -2.60
N LEU A 283 18.05 -20.11 -2.14
CA LEU A 283 19.19 -19.26 -2.00
C LEU A 283 19.90 -19.52 -0.66
N PRO A 284 21.15 -19.03 -0.45
CA PRO A 284 21.81 -19.10 0.87
C PRO A 284 20.93 -18.39 1.89
N ARG A 285 20.97 -18.81 3.16
CA ARG A 285 20.41 -17.98 4.23
C ARG A 285 21.38 -17.90 5.43
N PRO A 286 21.17 -16.92 6.35
CA PRO A 286 22.07 -16.74 7.49
C PRO A 286 22.05 -18.01 8.34
N PRO A 287 23.15 -18.30 9.07
CA PRO A 287 23.11 -19.38 10.05
C PRO A 287 22.16 -19.01 11.19
N THR A 288 21.69 -20.05 11.86
CA THR A 288 20.75 -19.99 12.98
C THR A 288 21.45 -19.63 14.31
N PRO A 289 20.83 -18.78 15.16
CA PRO A 289 21.35 -18.53 16.51
C PRO A 289 21.37 -19.78 17.38
N LYS A 290 22.22 -19.75 18.40
CA LYS A 290 22.09 -20.68 19.51
C LYS A 290 21.01 -20.13 20.46
N LEU A 291 19.90 -20.86 20.57
CA LEU A 291 18.68 -20.30 21.17
C LEU A 291 18.56 -20.62 22.67
N GLU A 292 18.59 -21.92 22.99
CA GLU A 292 18.19 -22.40 24.31
C GLU A 292 18.78 -21.51 25.42
N LYS B 9 -13.59 22.98 7.69
CA LYS B 9 -13.32 21.58 7.25
C LYS B 9 -13.93 21.31 5.88
N GLY B 10 -14.92 22.12 5.48
CA GLY B 10 -15.30 22.26 4.07
C GLY B 10 -16.12 21.08 3.60
N LYS B 11 -16.32 20.98 2.28
CA LYS B 11 -17.16 19.95 1.70
C LYS B 11 -16.47 18.59 1.78
N CYS B 12 -17.12 17.64 2.45
CA CYS B 12 -16.56 16.32 2.70
C CYS B 12 -17.47 15.25 2.12
N GLY B 13 -16.85 14.18 1.62
CA GLY B 13 -17.56 12.97 1.27
C GLY B 13 -18.33 13.12 -0.04
N LEU B 14 -17.91 14.09 -0.88
CA LEU B 14 -18.52 14.30 -2.19
C LEU B 14 -18.37 13.02 -3.02
N PRO B 15 -19.32 12.70 -3.94
CA PRO B 15 -19.16 11.55 -4.83
C PRO B 15 -17.87 11.47 -5.65
N GLU B 16 -17.36 10.24 -5.77
CA GLU B 16 -16.22 9.97 -6.63
C GLU B 16 -16.63 9.97 -8.10
N ILE B 17 -15.69 10.43 -8.92
CA ILE B 17 -15.80 10.44 -10.37
C ILE B 17 -14.73 9.52 -10.95
N PHE B 18 -15.13 8.70 -11.92
CA PHE B 18 -14.24 7.77 -12.58
C PHE B 18 -14.33 7.97 -14.09
N ASP B 19 -13.27 8.53 -14.69
CA ASP B 19 -13.13 8.53 -16.14
C ASP B 19 -13.14 7.12 -16.69
N PRO B 20 -13.97 6.83 -17.73
CA PRO B 20 -13.89 5.56 -18.47
C PRO B 20 -12.51 5.33 -19.06
N PRO B 21 -12.13 4.05 -19.31
CA PRO B 21 -10.75 3.68 -19.67
C PRO B 21 -10.11 4.40 -20.85
N GLU B 22 -10.90 4.55 -21.91
CA GLU B 22 -10.44 5.12 -23.17
C GLU B 22 -10.16 6.61 -22.97
N GLU B 23 -11.04 7.26 -22.19
CA GLU B 23 -10.85 8.66 -21.83
C GLU B 23 -9.60 8.74 -20.96
N LEU B 24 -9.59 7.91 -19.91
CA LEU B 24 -8.49 7.86 -18.96
C LEU B 24 -7.17 7.83 -19.71
N GLU B 25 -7.09 6.95 -20.72
CA GLU B 25 -5.88 6.74 -21.49
C GLU B 25 -5.54 7.98 -22.32
N ARG B 26 -6.55 8.58 -22.97
CA ARG B 26 -6.31 9.77 -23.77
C ARG B 26 -5.69 10.85 -22.89
N LYS B 27 -6.25 11.04 -21.69
CA LYS B 27 -5.88 12.18 -20.83
C LYS B 27 -4.46 12.05 -20.29
N VAL B 28 -4.03 10.82 -19.96
CA VAL B 28 -2.65 10.56 -19.53
C VAL B 28 -1.68 10.83 -20.68
N TRP B 29 -2.03 10.48 -21.92
CA TRP B 29 -1.18 10.82 -23.05
C TRP B 29 -1.06 12.34 -23.11
N GLU B 30 -2.17 13.03 -22.87
CA GLU B 30 -2.18 14.48 -22.91
C GLU B 30 -1.30 15.05 -21.78
N LEU B 31 -1.23 14.37 -20.63
CA LEU B 31 -0.41 14.86 -19.52
C LEU B 31 1.06 14.63 -19.90
N ALA B 32 1.35 13.52 -20.57
CA ALA B 32 2.70 13.22 -21.01
C ALA B 32 3.19 14.32 -21.97
N ARG B 33 2.31 14.78 -22.88
CA ARG B 33 2.60 15.89 -23.78
C ARG B 33 3.07 17.10 -22.99
N LEU B 34 2.26 17.50 -22.00
CA LEU B 34 2.50 18.68 -21.18
C LEU B 34 3.84 18.58 -20.45
N VAL B 35 4.16 17.40 -19.89
CA VAL B 35 5.43 17.20 -19.23
C VAL B 35 6.55 17.40 -20.25
N TRP B 36 6.45 16.73 -21.41
CA TRP B 36 7.52 16.81 -22.41
C TRP B 36 7.73 18.27 -22.85
N GLN B 37 6.63 18.99 -23.09
CA GLN B 37 6.67 20.37 -23.54
C GLN B 37 7.16 21.35 -22.48
N SER B 38 6.99 21.08 -21.19
CA SER B 38 7.25 22.07 -20.16
C SER B 38 8.72 22.15 -19.76
N SER B 39 9.16 23.36 -19.36
CA SER B 39 10.49 23.62 -18.84
C SER B 39 10.53 23.45 -17.31
N SER B 40 9.47 23.89 -16.63
CA SER B 40 9.45 23.87 -15.17
C SER B 40 8.12 23.28 -14.68
N VAL B 41 8.18 22.09 -14.09
CA VAL B 41 6.99 21.37 -13.62
C VAL B 41 6.98 21.35 -12.09
N VAL B 42 5.91 21.87 -11.48
CA VAL B 42 5.72 21.73 -10.05
C VAL B 42 4.58 20.75 -9.78
N PHE B 43 4.80 19.91 -8.78
CA PHE B 43 3.87 18.90 -8.32
C PHE B 43 3.41 19.34 -6.92
N HIS B 44 2.11 19.19 -6.70
CA HIS B 44 1.47 19.49 -5.43
C HIS B 44 0.68 18.26 -4.97
N THR B 45 0.98 17.78 -3.76
CA THR B 45 0.39 16.53 -3.29
C THR B 45 -0.37 16.77 -1.98
N GLY B 46 -1.44 16.02 -1.77
CA GLY B 46 -2.07 15.92 -0.49
C GLY B 46 -2.40 14.47 -0.21
N ALA B 47 -3.43 14.27 0.61
CA ALA B 47 -3.58 13.03 1.37
C ALA B 47 -3.98 11.87 0.48
N GLY B 48 -4.50 12.14 -0.75
CA GLY B 48 -4.91 11.13 -1.72
C GLY B 48 -3.76 10.24 -2.22
N ILE B 49 -2.52 10.71 -2.18
CA ILE B 49 -1.36 9.94 -2.66
C ILE B 49 -0.85 8.94 -1.61
N SER B 50 -1.40 8.95 -0.41
CA SER B 50 -1.01 8.05 0.70
C SER B 50 -2.08 7.02 1.03
N THR B 51 -3.25 7.15 0.42
CA THR B 51 -4.37 6.29 0.78
C THR B 51 -4.09 4.86 0.33
N ALA B 52 -3.26 4.64 -0.71
CA ALA B 52 -2.98 3.27 -1.18
C ALA B 52 -1.87 2.60 -0.35
N SER B 53 -1.33 3.31 0.67
CA SER B 53 -0.42 2.74 1.66
C SER B 53 -1.08 2.53 3.02
N GLY B 54 -2.40 2.79 3.11
CA GLY B 54 -3.22 2.46 4.27
C GLY B 54 -3.46 3.63 5.21
N ILE B 55 -3.12 4.84 4.75
CA ILE B 55 -3.29 6.07 5.52
C ILE B 55 -4.53 6.79 5.01
N PRO B 56 -5.53 7.09 5.86
CA PRO B 56 -6.81 7.56 5.37
C PRO B 56 -6.55 9.00 4.94
N ASP B 57 -7.45 9.53 4.13
CA ASP B 57 -7.41 10.95 3.83
C ASP B 57 -8.35 11.68 4.81
N PHE B 58 -8.76 12.89 4.44
CA PHE B 58 -9.54 13.75 5.32
C PHE B 58 -10.99 13.85 4.85
N ARG B 59 -11.19 14.04 3.52
CA ARG B 59 -12.45 14.48 2.90
C ARG B 59 -12.97 13.50 1.84
N GLY B 60 -12.30 12.34 1.62
CA GLY B 60 -12.84 11.29 0.76
C GLY B 60 -13.97 10.53 1.47
N PRO B 61 -14.55 9.47 0.86
CA PRO B 61 -15.70 8.76 1.44
C PRO B 61 -15.48 8.36 2.90
N HIS B 62 -14.27 7.83 3.20
CA HIS B 62 -13.90 7.29 4.49
C HIS B 62 -12.80 8.15 5.14
N GLY B 63 -12.76 9.43 4.79
CA GLY B 63 -11.72 10.32 5.32
C GLY B 63 -11.86 10.66 6.81
N VAL B 64 -10.80 11.22 7.38
CA VAL B 64 -10.83 11.63 8.77
C VAL B 64 -12.08 12.47 9.06
N TRP B 65 -12.25 13.58 8.33
CA TRP B 65 -13.36 14.49 8.59
C TRP B 65 -14.70 13.86 8.22
N THR B 66 -14.79 13.30 6.99
CA THR B 66 -15.99 12.64 6.47
C THR B 66 -16.51 11.59 7.46
N MET B 67 -15.61 10.89 8.17
CA MET B 67 -16.00 9.84 9.07
C MET B 67 -16.41 10.47 10.42
N GLU B 68 -15.66 11.47 10.89
CA GLU B 68 -15.95 12.16 12.15
C GLU B 68 -17.36 12.76 12.13
N GLU B 69 -17.77 13.35 10.99
CA GLU B 69 -19.10 13.92 10.84
C GLU B 69 -20.16 12.85 11.10
N ARG B 70 -19.96 11.67 10.50
CA ARG B 70 -20.92 10.58 10.56
C ARG B 70 -20.79 9.79 11.87
N GLY B 71 -19.91 10.21 12.78
CA GLY B 71 -19.70 9.49 14.05
C GLY B 71 -18.70 8.35 13.93
N LEU B 72 -18.37 7.95 12.69
CA LEU B 72 -17.35 6.95 12.40
C LEU B 72 -15.97 7.50 12.71
N ALA B 73 -14.97 6.60 12.76
CA ALA B 73 -13.57 6.97 12.86
C ALA B 73 -12.88 6.61 11.55
N PRO B 74 -11.80 7.30 11.16
CA PRO B 74 -11.02 6.88 9.98
C PRO B 74 -10.32 5.58 10.35
N LYS B 75 -9.82 4.87 9.33
CA LYS B 75 -9.13 3.62 9.57
C LYS B 75 -7.74 3.73 8.93
N PHE B 76 -6.76 3.25 9.71
CA PHE B 76 -5.38 3.06 9.34
C PHE B 76 -5.18 1.58 9.05
N ASP B 77 -4.43 1.26 7.99
CA ASP B 77 -4.03 -0.10 7.69
C ASP B 77 -2.54 -0.29 7.99
N THR B 78 -1.92 0.77 8.53
CA THR B 78 -0.50 0.81 8.81
C THR B 78 -0.27 1.81 9.95
N THR B 79 0.92 1.72 10.56
CA THR B 79 1.41 2.80 11.41
C THR B 79 2.12 3.79 10.48
N PHE B 80 2.35 5.03 10.96
CA PHE B 80 3.18 5.93 10.18
C PHE B 80 4.59 5.34 9.94
N GLU B 81 5.16 4.71 10.97
CA GLU B 81 6.49 4.14 10.91
C GLU B 81 6.56 3.00 9.89
N SER B 82 5.52 2.15 9.83
CA SER B 82 5.53 0.95 8.97
C SER B 82 4.92 1.19 7.58
N ALA B 83 4.38 2.40 7.30
CA ALA B 83 3.91 2.79 5.98
C ALA B 83 5.05 2.82 4.96
N ARG B 84 4.76 2.35 3.75
CA ARG B 84 5.74 2.40 2.68
C ARG B 84 5.30 3.45 1.67
N PRO B 85 6.26 4.17 1.00
CA PRO B 85 5.88 5.05 -0.12
C PRO B 85 5.15 4.28 -1.22
N THR B 86 4.14 4.93 -1.81
CA THR B 86 3.34 4.43 -2.91
C THR B 86 4.16 4.41 -4.19
N GLN B 87 3.57 3.86 -5.25
CA GLN B 87 4.18 3.93 -6.57
C GLN B 87 4.25 5.42 -6.98
N THR B 88 3.27 6.22 -6.53
CA THR B 88 3.28 7.67 -6.80
C THR B 88 4.47 8.41 -6.17
N HIS B 89 4.71 8.18 -4.86
CA HIS B 89 5.84 8.67 -4.10
C HIS B 89 7.12 8.35 -4.85
N MET B 90 7.25 7.11 -5.34
CA MET B 90 8.50 6.68 -5.94
C MET B 90 8.71 7.20 -7.37
N ALA B 91 7.63 7.42 -8.11
CA ALA B 91 7.64 8.02 -9.43
C ALA B 91 8.09 9.45 -9.29
N LEU B 92 7.65 10.17 -8.25
CA LEU B 92 8.08 11.57 -8.09
C LEU B 92 9.58 11.63 -7.83
N VAL B 93 10.11 10.65 -7.06
CA VAL B 93 11.53 10.46 -6.76
C VAL B 93 12.25 10.40 -8.11
N GLN B 94 11.81 9.50 -8.99
CA GLN B 94 12.42 9.35 -10.30
C GLN B 94 12.30 10.59 -11.18
N LEU B 95 11.11 11.20 -11.20
CA LEU B 95 10.85 12.44 -11.91
C LEU B 95 11.83 13.53 -11.51
N GLU B 96 12.13 13.66 -10.22
CA GLU B 96 13.10 14.68 -9.81
C GLU B 96 14.50 14.26 -10.24
N ARG B 97 14.80 12.96 -10.16
CA ARG B 97 16.14 12.45 -10.45
C ARG B 97 16.55 12.76 -11.89
N VAL B 98 15.65 12.66 -12.89
CA VAL B 98 15.97 12.83 -14.31
C VAL B 98 15.69 14.26 -14.78
N GLY B 99 15.47 15.18 -13.84
CA GLY B 99 15.29 16.59 -14.15
C GLY B 99 13.92 17.00 -14.71
N LEU B 100 12.88 16.19 -14.52
CA LEU B 100 11.56 16.45 -15.05
C LEU B 100 10.64 17.08 -14.00
N LEU B 101 11.08 17.12 -12.74
CA LEU B 101 10.36 17.77 -11.64
C LEU B 101 11.23 18.88 -11.09
N ARG B 102 10.73 20.12 -11.07
CA ARG B 102 11.44 21.27 -10.53
C ARG B 102 11.29 21.36 -9.01
N PHE B 103 10.05 21.24 -8.53
CA PHE B 103 9.80 21.38 -7.10
C PHE B 103 8.56 20.59 -6.69
N LEU B 104 8.50 20.24 -5.40
CA LEU B 104 7.41 19.45 -4.85
C LEU B 104 6.83 20.15 -3.62
N VAL B 105 5.54 20.43 -3.68
CA VAL B 105 4.80 21.12 -2.65
C VAL B 105 3.79 20.15 -2.05
N SER B 106 3.98 19.74 -0.79
CA SER B 106 3.08 18.78 -0.19
C SER B 106 2.38 19.36 1.04
N GLN B 107 1.11 18.94 1.24
CA GLN B 107 0.30 19.25 2.41
C GLN B 107 0.47 18.13 3.45
N ASN B 108 1.18 17.05 3.08
CA ASN B 108 1.08 15.80 3.83
C ASN B 108 2.03 15.81 5.02
N VAL B 109 1.55 15.38 6.22
CA VAL B 109 2.36 15.42 7.42
C VAL B 109 3.02 14.05 7.66
N ASP B 110 2.73 13.10 6.75
CA ASP B 110 2.91 11.68 7.00
C ASP B 110 4.38 11.18 6.84
N GLY B 111 5.34 12.06 6.50
CA GLY B 111 6.75 11.73 6.46
C GLY B 111 7.21 11.02 5.17
N LEU B 112 6.28 10.54 4.30
CA LEU B 112 6.61 9.64 3.19
C LEU B 112 7.50 10.23 2.09
N HIS B 113 7.29 11.48 1.70
CA HIS B 113 8.16 12.08 0.71
C HIS B 113 9.63 12.02 1.17
N VAL B 114 9.91 12.41 2.43
CA VAL B 114 11.24 12.39 2.98
C VAL B 114 11.78 10.96 3.02
N ARG B 115 10.93 10.02 3.50
CA ARG B 115 11.40 8.67 3.75
C ARG B 115 11.62 7.88 2.46
N SER B 116 11.02 8.36 1.36
CA SER B 116 11.17 7.83 0.02
C SER B 116 12.58 8.11 -0.55
N GLY B 117 13.27 9.13 0.00
CA GLY B 117 14.58 9.60 -0.45
C GLY B 117 14.50 10.90 -1.28
N PHE B 118 13.32 11.51 -1.36
CA PHE B 118 13.12 12.70 -2.14
C PHE B 118 13.99 13.77 -1.51
N PRO B 119 14.73 14.57 -2.31
CA PRO B 119 15.60 15.62 -1.76
C PRO B 119 14.86 16.78 -1.08
N ARG B 120 15.27 17.07 0.15
CA ARG B 120 14.56 18.00 1.03
C ARG B 120 14.67 19.41 0.46
N ASP B 121 15.75 19.71 -0.28
CA ASP B 121 15.89 21.05 -0.86
C ASP B 121 14.94 21.30 -2.05
N LYS B 122 14.19 20.30 -2.55
CA LYS B 122 13.23 20.52 -3.64
C LYS B 122 11.80 20.21 -3.17
N LEU B 123 11.59 20.19 -1.85
CA LEU B 123 10.31 19.89 -1.22
C LEU B 123 9.96 20.94 -0.14
N ALA B 124 8.75 21.48 -0.26
CA ALA B 124 8.06 22.25 0.76
C ALA B 124 6.98 21.40 1.45
N GLU B 125 7.18 21.14 2.74
CA GLU B 125 6.21 20.40 3.56
C GLU B 125 5.40 21.45 4.30
N LEU B 126 4.34 21.93 3.68
CA LEU B 126 3.68 23.14 4.14
C LEU B 126 3.02 22.96 5.51
N HIS B 127 2.58 21.73 5.89
CA HIS B 127 1.86 21.57 7.15
C HIS B 127 2.67 20.82 8.21
N GLY B 128 3.97 20.64 7.96
CA GLY B 128 4.82 19.81 8.80
C GLY B 128 4.96 18.36 8.33
N ASN B 129 5.68 17.64 9.20
CA ASN B 129 6.10 16.26 9.07
C ASN B 129 6.13 15.65 10.47
N MET B 130 5.46 14.50 10.62
CA MET B 130 5.29 13.86 11.93
C MET B 130 6.62 13.44 12.53
N PHE B 131 7.65 13.17 11.70
CA PHE B 131 8.98 12.67 12.06
C PHE B 131 9.98 13.81 12.31
N VAL B 132 9.57 15.07 12.15
CA VAL B 132 10.52 16.18 12.16
C VAL B 132 10.24 17.09 13.35
N GLU B 133 11.29 17.33 14.14
CA GLU B 133 11.31 18.37 15.16
C GLU B 133 12.39 19.40 14.84
N GLU B 134 12.23 20.56 15.48
CA GLU B 134 13.01 21.76 15.18
C GLU B 134 13.34 22.46 16.51
N CYS B 135 14.51 23.08 16.56
CA CYS B 135 14.98 23.76 17.76
C CYS B 135 14.38 25.16 17.79
N ALA B 136 13.64 25.44 18.87
CA ALA B 136 13.10 26.76 19.15
C ALA B 136 14.16 27.84 19.00
N LYS B 137 15.41 27.51 19.34
CA LYS B 137 16.49 28.49 19.37
C LYS B 137 17.20 28.60 18.03
N CYS B 138 17.94 27.55 17.65
CA CYS B 138 18.83 27.62 16.50
C CYS B 138 18.12 27.22 15.20
N LYS B 139 16.86 26.75 15.31
CA LYS B 139 16.02 26.37 14.18
C LYS B 139 16.54 25.13 13.45
N THR B 140 17.43 24.36 14.08
CA THR B 140 17.97 23.16 13.45
C THR B 140 16.88 22.10 13.43
N GLN B 141 16.81 21.37 12.29
CA GLN B 141 15.81 20.35 12.09
C GLN B 141 16.41 18.97 12.35
N TYR B 142 15.55 18.06 12.82
CA TYR B 142 15.93 16.69 13.04
C TYR B 142 14.84 15.83 12.42
N VAL B 143 15.27 14.86 11.59
CA VAL B 143 14.37 13.89 10.97
C VAL B 143 14.56 12.58 11.73
N ARG B 144 13.53 12.20 12.52
CA ARG B 144 13.62 11.04 13.38
C ARG B 144 13.13 9.83 12.61
N ASP B 145 13.44 8.65 13.17
CA ASP B 145 13.00 7.34 12.71
C ASP B 145 11.63 6.98 13.28
N THR B 146 11.11 7.74 14.25
CA THR B 146 9.73 7.54 14.69
C THR B 146 9.05 8.90 14.78
N VAL B 147 7.72 8.88 14.92
CA VAL B 147 6.92 10.08 14.95
C VAL B 147 7.33 10.83 16.23
N VAL B 148 7.48 12.14 16.09
CA VAL B 148 7.70 13.01 17.23
C VAL B 148 6.40 13.04 18.02
N GLY B 149 6.50 12.89 19.34
CA GLY B 149 5.36 12.51 20.15
C GLY B 149 4.22 13.55 20.21
N THR B 150 4.45 14.77 19.71
CA THR B 150 3.54 15.87 20.01
C THR B 150 2.89 16.35 18.71
N MET B 151 1.90 17.25 18.84
CA MET B 151 1.34 17.97 17.70
C MET B 151 0.99 19.41 18.11
N GLY B 152 1.21 20.37 17.21
CA GLY B 152 0.82 21.75 17.46
C GLY B 152 1.96 22.63 17.95
N LEU B 153 3.20 22.29 17.55
CA LEU B 153 4.40 23.08 17.81
C LEU B 153 4.75 23.05 19.30
N LYS B 154 4.63 21.87 19.92
CA LYS B 154 4.88 21.72 21.34
C LYS B 154 6.28 21.17 21.63
N ALA B 155 6.71 21.36 22.89
CA ALA B 155 7.92 20.72 23.37
C ALA B 155 7.75 19.20 23.29
N THR B 156 8.77 18.53 22.74
CA THR B 156 8.79 17.07 22.61
C THR B 156 9.47 16.48 23.85
N GLY B 157 10.16 17.34 24.62
CA GLY B 157 10.90 16.92 25.81
C GLY B 157 12.35 16.54 25.49
N ARG B 158 12.78 16.74 24.23
CA ARG B 158 14.17 16.52 23.85
C ARG B 158 14.81 17.89 23.69
N LEU B 159 16.15 17.94 23.80
CA LEU B 159 16.90 19.17 23.62
C LEU B 159 17.89 19.04 22.46
N CYS B 160 18.13 20.17 21.79
CA CYS B 160 19.05 20.28 20.67
C CYS B 160 20.44 19.78 21.08
N THR B 161 21.22 19.32 20.08
CA THR B 161 22.56 18.79 20.32
C THR B 161 23.58 19.43 19.38
N VAL B 162 23.22 20.51 18.68
CA VAL B 162 24.10 21.14 17.70
C VAL B 162 25.33 21.70 18.42
N ALA B 163 26.52 21.39 17.88
CA ALA B 163 27.79 21.81 18.46
C ALA B 163 27.75 21.75 19.99
N CYS B 171 23.87 23.88 22.43
CA CYS B 171 22.65 24.68 22.15
C CYS B 171 21.58 24.37 23.19
N ARG B 172 21.33 23.07 23.39
CA ARG B 172 20.36 22.57 24.36
C ARG B 172 19.02 23.30 24.24
N GLY B 173 18.68 23.76 23.02
CA GLY B 173 17.39 24.38 22.78
C GLY B 173 16.24 23.39 22.93
N GLU B 174 15.02 23.93 23.12
CA GLU B 174 13.80 23.13 23.24
C GLU B 174 13.36 22.69 21.84
N LEU B 175 13.27 21.36 21.63
CA LEU B 175 12.82 20.82 20.35
C LEU B 175 11.30 20.78 20.36
N ARG B 176 10.69 21.19 19.23
CA ARG B 176 9.25 21.22 19.10
C ARG B 176 8.83 20.50 17.82
N ASP B 177 7.62 19.88 17.83
CA ASP B 177 7.07 19.30 16.61
C ASP B 177 6.86 20.42 15.61
N THR B 178 6.66 20.03 14.34
CA THR B 178 6.49 20.96 13.24
C THR B 178 5.05 20.94 12.72
N ILE B 179 4.11 20.44 13.53
CA ILE B 179 2.78 20.10 13.05
C ILE B 179 1.82 21.25 13.37
N LEU B 180 1.32 21.89 12.30
CA LEU B 180 0.49 23.08 12.40
C LEU B 180 -0.89 22.68 12.91
N ASP B 181 -1.33 23.41 13.94
CA ASP B 181 -2.74 23.48 14.31
C ASP B 181 -3.43 24.44 13.35
N TRP B 182 -4.77 24.49 13.45
CA TRP B 182 -5.60 25.28 12.55
C TRP B 182 -5.17 26.75 12.49
N GLU B 183 -4.65 27.29 13.59
CA GLU B 183 -4.47 28.72 13.75
C GLU B 183 -3.06 29.18 13.34
N ASP B 184 -2.19 28.25 12.92
CA ASP B 184 -0.77 28.57 12.81
C ASP B 184 -0.44 29.07 11.40
N SER B 185 0.52 30.00 11.33
CA SER B 185 1.13 30.41 10.07
C SER B 185 1.98 29.25 9.55
N LEU B 186 2.03 29.13 8.22
CA LEU B 186 2.82 28.12 7.54
C LEU B 186 4.29 28.49 7.66
N PRO B 187 5.23 27.50 7.64
CA PRO B 187 6.65 27.80 7.64
C PRO B 187 6.88 28.85 6.56
N ASP B 188 7.42 30.00 6.97
CA ASP B 188 7.79 31.08 6.06
C ASP B 188 8.70 30.55 4.95
N ARG B 189 9.69 29.75 5.32
CA ARG B 189 10.71 29.28 4.37
C ARG B 189 10.04 28.37 3.33
N ASP B 190 9.32 27.35 3.79
CA ASP B 190 8.70 26.40 2.87
C ASP B 190 7.72 27.11 1.94
N LEU B 191 6.96 28.07 2.48
CA LEU B 191 5.88 28.72 1.75
C LEU B 191 6.49 29.68 0.72
N ALA B 192 7.56 30.37 1.11
CA ALA B 192 8.23 31.26 0.19
C ALA B 192 8.62 30.49 -1.07
N LEU B 193 9.36 29.38 -0.85
CA LEU B 193 9.93 28.56 -1.91
C LEU B 193 8.84 27.96 -2.78
N ALA B 194 7.71 27.58 -2.15
CA ALA B 194 6.63 26.93 -2.87
C ALA B 194 5.87 27.93 -3.75
N ASP B 195 5.72 29.16 -3.26
CA ASP B 195 5.14 30.27 -4.02
C ASP B 195 6.01 30.59 -5.23
N GLU B 196 7.30 30.77 -5.00
CA GLU B 196 8.25 31.10 -6.05
C GLU B 196 8.21 30.03 -7.14
N ALA B 197 8.17 28.75 -6.71
CA ALA B 197 8.13 27.67 -7.68
C ALA B 197 6.82 27.70 -8.46
N SER B 198 5.71 27.85 -7.75
CA SER B 198 4.40 27.86 -8.38
C SER B 198 4.35 28.97 -9.43
N ARG B 199 4.93 30.14 -9.10
CA ARG B 199 4.81 31.30 -9.95
C ARG B 199 5.58 31.12 -11.26
N ASN B 200 6.72 30.40 -11.20
CA ASN B 200 7.66 30.27 -12.31
C ASN B 200 7.45 28.99 -13.12
N ALA B 201 6.56 28.11 -12.66
CA ALA B 201 6.24 26.88 -13.37
C ALA B 201 5.39 27.17 -14.60
N ASP B 202 5.62 26.42 -15.68
CA ASP B 202 4.71 26.50 -16.82
C ASP B 202 3.72 25.35 -16.76
N LEU B 203 3.91 24.44 -15.78
CA LEU B 203 3.00 23.33 -15.54
C LEU B 203 2.96 23.02 -14.05
N SER B 204 1.79 23.20 -13.44
CA SER B 204 1.48 22.65 -12.13
C SER B 204 0.52 21.47 -12.27
N ILE B 205 0.85 20.37 -11.57
CA ILE B 205 0.07 19.15 -11.51
C ILE B 205 -0.28 18.89 -10.04
N THR B 206 -1.59 18.77 -9.73
CA THR B 206 -2.05 18.40 -8.41
C THR B 206 -2.40 16.92 -8.43
N LEU B 207 -2.08 16.24 -7.33
CA LEU B 207 -2.27 14.80 -7.12
C LEU B 207 -2.93 14.55 -5.74
N GLY B 208 -4.16 14.02 -5.72
CA GLY B 208 -4.91 13.69 -4.51
C GLY B 208 -4.98 14.82 -3.50
N THR B 209 -5.48 15.97 -3.94
CA THR B 209 -5.76 17.06 -3.03
C THR B 209 -7.07 17.69 -3.52
N SER B 210 -7.97 17.94 -2.56
CA SER B 210 -9.24 18.62 -2.82
C SER B 210 -9.02 20.13 -3.02
N LEU B 211 -7.85 20.65 -2.65
CA LEU B 211 -7.47 22.05 -2.90
C LEU B 211 -8.33 23.03 -2.06
N GLN B 212 -8.84 22.56 -0.90
CA GLN B 212 -9.80 23.30 -0.10
C GLN B 212 -9.17 24.17 1.00
N ILE B 213 -7.89 23.97 1.33
CA ILE B 213 -7.22 24.78 2.34
C ILE B 213 -6.48 25.94 1.64
N ARG B 214 -6.58 27.13 2.24
CA ARG B 214 -5.72 28.28 2.00
C ARG B 214 -4.52 28.24 2.96
N PRO B 215 -3.32 28.67 2.54
CA PRO B 215 -3.06 29.14 1.17
C PRO B 215 -2.65 28.05 0.17
N SER B 216 -2.41 26.86 0.70
CA SER B 216 -1.81 25.72 0.00
C SER B 216 -2.54 25.39 -1.29
N GLY B 217 -3.86 25.20 -1.18
CA GLY B 217 -4.73 24.87 -2.28
C GLY B 217 -4.67 25.87 -3.42
N ASN B 218 -4.23 27.10 -3.13
CA ASN B 218 -4.27 28.16 -4.13
C ASN B 218 -2.95 28.33 -4.86
N LEU B 219 -1.83 27.85 -4.29
CA LEU B 219 -0.53 27.92 -4.93
C LEU B 219 -0.58 27.45 -6.37
N PRO B 220 -1.28 26.33 -6.72
CA PRO B 220 -1.45 25.92 -8.11
C PRO B 220 -1.99 26.95 -9.08
N LEU B 221 -2.90 27.81 -8.58
CA LEU B 221 -3.52 28.83 -9.42
C LEU B 221 -2.49 29.85 -9.88
N ALA B 222 -1.48 30.11 -9.04
CA ALA B 222 -0.42 31.07 -9.37
C ALA B 222 0.29 30.69 -10.67
N THR B 223 0.40 29.38 -10.98
CA THR B 223 0.96 28.93 -12.24
C THR B 223 0.15 29.51 -13.41
N LYS B 224 -1.17 29.45 -13.28
CA LYS B 224 -2.08 29.94 -14.32
C LYS B 224 -1.74 31.39 -14.70
N ARG B 225 -1.54 32.23 -13.69
CA ARG B 225 -1.13 33.62 -13.89
C ARG B 225 0.26 33.72 -14.51
N ARG B 226 0.37 33.50 -15.83
CA ARG B 226 1.59 33.60 -16.60
C ARG B 226 1.45 32.82 -17.90
N GLY B 227 0.32 32.11 -18.04
CA GLY B 227 0.10 31.26 -19.19
C GLY B 227 0.48 29.83 -18.86
N GLY B 228 0.82 29.60 -17.59
CA GLY B 228 1.14 28.27 -17.14
C GLY B 228 -0.12 27.40 -17.20
N ARG B 229 0.07 26.12 -17.53
CA ARG B 229 -1.01 25.15 -17.52
C ARG B 229 -1.19 24.64 -16.10
N LEU B 230 -2.34 23.99 -15.86
CA LEU B 230 -2.69 23.42 -14.56
C LEU B 230 -3.43 22.11 -14.84
N VAL B 231 -2.94 21.02 -14.22
CA VAL B 231 -3.57 19.71 -14.29
C VAL B 231 -3.95 19.30 -12.88
N ILE B 232 -5.18 18.77 -12.74
CA ILE B 232 -5.70 18.25 -11.50
C ILE B 232 -5.98 16.75 -11.61
N VAL B 233 -5.54 15.98 -10.60
CA VAL B 233 -5.65 14.53 -10.68
C VAL B 233 -6.24 14.16 -9.32
N ASN B 234 -7.47 13.65 -9.34
CA ASN B 234 -8.29 13.58 -8.13
C ASN B 234 -9.54 12.76 -8.45
N LEU B 235 -9.92 11.87 -7.52
CA LEU B 235 -11.16 11.09 -7.63
C LEU B 235 -12.41 11.95 -7.45
N GLN B 236 -12.29 13.00 -6.64
CA GLN B 236 -13.43 13.83 -6.30
C GLN B 236 -13.28 15.21 -6.93
N PRO B 237 -14.36 16.01 -6.99
CA PRO B 237 -14.24 17.42 -7.38
C PRO B 237 -13.32 18.16 -6.42
N THR B 238 -12.56 19.10 -6.97
CA THR B 238 -11.72 19.97 -6.16
C THR B 238 -12.29 21.36 -6.27
N LYS B 239 -11.85 22.24 -5.37
CA LYS B 239 -12.17 23.66 -5.42
C LYS B 239 -11.97 24.22 -6.84
N HIS B 240 -10.80 24.01 -7.46
CA HIS B 240 -10.43 24.75 -8.66
C HIS B 240 -10.54 23.96 -9.96
N ASP B 241 -11.48 23.00 -10.04
CA ASP B 241 -11.69 22.27 -11.28
C ASP B 241 -11.92 23.21 -12.47
N ARG B 242 -12.58 24.35 -12.22
CA ARG B 242 -12.93 25.28 -13.28
C ARG B 242 -11.70 25.92 -13.91
N HIS B 243 -10.56 25.99 -13.20
CA HIS B 243 -9.37 26.65 -13.73
C HIS B 243 -8.40 25.68 -14.42
N ALA B 244 -8.64 24.36 -14.35
CA ALA B 244 -7.69 23.37 -14.87
C ALA B 244 -7.83 23.17 -16.38
N ASP B 245 -6.70 22.87 -17.04
CA ASP B 245 -6.73 22.58 -18.47
C ASP B 245 -7.03 21.11 -18.70
N LEU B 246 -6.70 20.29 -17.69
CA LEU B 246 -6.96 18.86 -17.75
C LEU B 246 -7.28 18.41 -16.33
N ARG B 247 -8.36 17.66 -16.19
CA ARG B 247 -8.81 16.99 -14.97
C ARG B 247 -8.81 15.50 -15.26
N ILE B 248 -8.08 14.76 -14.42
CA ILE B 248 -8.02 13.31 -14.56
C ILE B 248 -8.62 12.71 -13.29
N HIS B 249 -9.79 12.12 -13.49
CA HIS B 249 -10.51 11.41 -12.47
C HIS B 249 -10.09 9.94 -12.51
N GLY B 250 -9.19 9.58 -11.59
CA GLY B 250 -8.81 8.21 -11.35
C GLY B 250 -7.82 8.07 -10.21
N TYR B 251 -7.42 6.83 -9.94
CA TYR B 251 -6.47 6.53 -8.88
C TYR B 251 -5.09 7.01 -9.36
N VAL B 252 -4.42 7.76 -8.46
CA VAL B 252 -3.18 8.43 -8.77
C VAL B 252 -2.10 7.40 -9.15
N ASP B 253 -1.95 6.28 -8.41
CA ASP B 253 -1.09 5.16 -8.78
C ASP B 253 -1.28 4.73 -10.24
N GLU B 254 -2.53 4.53 -10.69
CA GLU B 254 -2.80 4.11 -12.07
C GLU B 254 -2.29 5.19 -13.03
N VAL B 255 -2.56 6.44 -12.69
CA VAL B 255 -2.25 7.57 -13.55
C VAL B 255 -0.74 7.80 -13.61
N MET B 256 -0.05 7.78 -12.47
CA MET B 256 1.39 7.94 -12.45
C MET B 256 2.09 6.74 -13.12
N THR B 257 1.51 5.52 -13.10
CA THR B 257 2.19 4.34 -13.66
C THR B 257 2.19 4.40 -15.19
N ARG B 258 1.03 4.68 -15.77
CA ARG B 258 0.87 4.87 -17.21
C ARG B 258 1.74 6.01 -17.70
N LEU B 259 1.77 7.08 -16.93
CA LEU B 259 2.53 8.26 -17.33
C LEU B 259 4.03 7.99 -17.39
N MET B 260 4.59 7.38 -16.36
CA MET B 260 5.98 6.93 -16.37
C MET B 260 6.27 5.98 -17.55
N LYS B 261 5.30 5.14 -17.91
CA LYS B 261 5.47 4.24 -19.04
C LYS B 261 5.63 5.04 -20.33
N HIS B 262 4.76 6.03 -20.52
CA HIS B 262 4.83 6.92 -21.66
C HIS B 262 6.16 7.66 -21.64
N LEU B 263 6.60 8.13 -20.46
CA LEU B 263 7.86 8.85 -20.33
C LEU B 263 9.05 7.92 -20.52
N GLY B 264 8.81 6.58 -20.52
CA GLY B 264 9.90 5.64 -20.68
C GLY B 264 10.79 5.60 -19.43
N LEU B 265 10.19 5.82 -18.26
CA LEU B 265 10.82 5.84 -16.94
C LEU B 265 10.38 4.63 -16.14
N GLU B 266 11.34 3.97 -15.50
CA GLU B 266 11.07 2.97 -14.47
C GLU B 266 10.72 3.65 -13.15
N ILE B 267 9.91 2.98 -12.32
CA ILE B 267 9.64 3.41 -10.95
C ILE B 267 10.64 2.67 -10.07
N PRO B 268 11.54 3.41 -9.40
CA PRO B 268 12.67 2.82 -8.67
C PRO B 268 12.29 2.14 -7.35
N ALA B 269 13.13 1.18 -6.93
CA ALA B 269 12.89 0.45 -5.70
C ALA B 269 13.12 1.35 -4.47
N TRP B 270 12.35 1.15 -3.41
CA TRP B 270 12.59 1.82 -2.14
C TRP B 270 13.68 1.06 -1.35
N ASP B 271 14.74 1.75 -0.93
CA ASP B 271 15.73 1.11 -0.06
C ASP B 271 15.41 1.26 1.42
N GLY B 272 14.10 1.34 1.77
CA GLY B 272 13.68 1.65 3.13
C GLY B 272 13.86 3.13 3.46
N PRO B 273 13.51 3.58 4.70
CA PRO B 273 13.61 4.98 5.09
C PRO B 273 15.03 5.55 4.89
N ARG B 274 15.07 6.69 4.21
CA ARG B 274 16.32 7.32 3.86
C ARG B 274 16.08 8.81 3.68
N VAL B 275 17.04 9.59 4.16
CA VAL B 275 16.95 11.04 4.23
C VAL B 275 18.04 11.64 3.34
N LEU B 276 17.57 12.36 2.34
CA LEU B 276 18.43 13.04 1.37
C LEU B 276 18.15 14.53 1.48
N GLU B 277 19.17 15.27 1.96
CA GLU B 277 19.09 16.71 2.15
C GLU B 277 19.18 17.48 0.84
N ARG B 278 20.04 17.07 -0.10
CA ARG B 278 20.24 17.91 -1.28
C ARG B 278 20.10 17.07 -2.55
N ALA B 279 19.31 17.57 -3.50
CA ALA B 279 19.23 17.02 -4.84
C ALA B 279 20.63 16.71 -5.35
N LEU B 280 20.78 15.52 -5.95
CA LEU B 280 22.03 15.07 -6.53
C LEU B 280 22.04 15.59 -7.96
N PRO B 281 23.20 15.62 -8.64
CA PRO B 281 23.22 15.88 -10.08
C PRO B 281 22.21 15.01 -10.84
N PRO B 282 21.49 15.61 -11.82
CA PRO B 282 20.51 14.93 -12.69
C PRO B 282 20.94 13.69 -13.51
N LEU B 283 20.09 12.68 -13.63
CA LEU B 283 20.44 11.49 -14.37
C LEU B 283 20.07 11.65 -15.84
N PRO B 284 20.63 10.80 -16.77
CA PRO B 284 20.21 10.71 -18.17
C PRO B 284 18.72 10.37 -18.33
N ARG B 285 18.04 11.05 -19.27
CA ARG B 285 16.62 10.79 -19.52
C ARG B 285 16.34 10.35 -20.97
N PRO B 286 15.19 9.70 -21.24
CA PRO B 286 14.85 9.31 -22.62
C PRO B 286 14.81 10.55 -23.52
N PRO B 287 15.14 10.42 -24.83
CA PRO B 287 14.94 11.52 -25.74
C PRO B 287 13.42 11.75 -25.82
N THR B 288 13.06 12.99 -26.13
CA THR B 288 11.69 13.47 -26.24
C THR B 288 11.08 13.11 -27.58
N PRO B 289 9.78 12.72 -27.63
CA PRO B 289 9.07 12.56 -28.90
C PRO B 289 8.91 13.85 -29.70
N LYS B 290 8.70 13.68 -31.01
CA LYS B 290 8.20 14.77 -31.83
C LYS B 290 6.71 14.91 -31.51
N LEU B 291 6.25 16.13 -31.27
CA LEU B 291 4.88 16.35 -30.84
C LEU B 291 3.99 16.90 -31.95
N GLU B 292 4.33 18.09 -32.48
CA GLU B 292 3.53 18.72 -33.53
C GLU B 292 4.38 18.84 -34.81
#